data_8PJS
#
_entry.id   8PJS
#
_cell.length_a   60.346
_cell.length_b   60.346
_cell.length_c   127.901
_cell.angle_alpha   90.000
_cell.angle_beta   90.000
_cell.angle_gamma   120.000
#
_symmetry.space_group_name_H-M   'P 31 2 1'
#
loop_
_entity.id
_entity.type
_entity.pdbx_description
1 polymer SAKeCEref
2 water water
#
_entity_poly.entity_id   1
_entity_poly.type   'polypeptide(L)'
_entity_poly.pdbx_seq_one_letter_code
;GSHMGGLIYAVGGDGHTHLSSVEAYNPETNEWSPVAPMSVPRSGVGVAVIGGLIYAVGGDGHTHLSSVEAYNPETNEWSP
VAPMSVPRSGVGVAVIGGLIYAVGGDGHTHLSSVEAYNPETNEWSPVAPMSVPRSGVGVAVIGGLIYAVGGDGHTHLSSV
EAYNPETNEWSPVAPMSVPRSGVGVAVIGGLIYAVGGDGHTHLSSVEAYNPETNEWSPVAPMSVPRSGVGVAVIGGLIYA
VGGDGHTHLSSVEAYNPETNEWSPVAPMSVPRSGVGVAVI
;
_entity_poly.pdbx_strand_id   A
#
# COMPACT_ATOMS: atom_id res chain seq x y z
N GLY A 6 -9.81 -14.89 -3.70
CA GLY A 6 -11.01 -14.23 -3.19
C GLY A 6 -10.90 -13.83 -1.72
N LEU A 7 -9.66 -13.72 -1.23
CA LEU A 7 -9.39 -13.37 0.15
C LEU A 7 -8.54 -12.11 0.22
N ILE A 8 -8.73 -11.35 1.30
CA ILE A 8 -7.92 -10.17 1.59
C ILE A 8 -6.86 -10.58 2.60
N TYR A 9 -5.59 -10.42 2.24
CA TYR A 9 -4.49 -10.74 3.13
C TYR A 9 -3.97 -9.47 3.77
N ALA A 10 -3.85 -9.48 5.11
CA ALA A 10 -3.17 -8.43 5.84
C ALA A 10 -1.78 -8.93 6.23
N VAL A 11 -0.75 -8.21 5.80
CA VAL A 11 0.63 -8.68 5.87
C VAL A 11 1.43 -7.74 6.76
N GLY A 12 1.98 -8.28 7.84
CA GLY A 12 2.88 -7.49 8.68
C GLY A 12 2.22 -6.26 9.29
N GLY A 13 2.97 -5.16 9.31
CA GLY A 13 2.54 -3.96 9.98
C GLY A 13 3.15 -3.83 11.36
N ASP A 14 2.58 -2.90 12.11
N ASP A 14 2.70 -2.83 12.09
CA ASP A 14 3.06 -2.48 13.42
CA ASP A 14 3.14 -2.72 13.47
C ASP A 14 1.87 -2.36 14.35
C ASP A 14 1.97 -2.35 14.36
N GLY A 15 1.96 -2.98 15.53
CA GLY A 15 0.92 -2.78 16.51
C GLY A 15 1.62 -2.72 17.86
N HIS A 16 1.55 -3.83 18.58
CA HIS A 16 2.31 -3.92 19.82
C HIS A 16 3.80 -3.94 19.54
N THR A 17 4.19 -4.57 18.43
CA THR A 17 5.54 -4.60 17.89
C THR A 17 5.42 -4.61 16.37
N HIS A 18 6.57 -4.55 15.68
CA HIS A 18 6.56 -4.88 14.26
C HIS A 18 6.19 -6.36 14.12
N LEU A 19 5.45 -6.69 13.06
CA LEU A 19 4.84 -8.00 12.96
C LEU A 19 5.33 -8.77 11.74
N SER A 20 5.59 -10.05 11.92
CA SER A 20 5.78 -11.00 10.82
C SER A 20 4.52 -11.78 10.50
N SER A 21 3.49 -11.68 11.35
CA SER A 21 2.29 -12.47 11.17
C SER A 21 1.44 -11.97 10.01
N VAL A 22 0.62 -12.87 9.48
CA VAL A 22 -0.23 -12.63 8.33
C VAL A 22 -1.57 -13.27 8.61
N GLU A 23 -2.65 -12.62 8.19
CA GLU A 23 -3.98 -13.22 8.32
C GLU A 23 -4.81 -12.87 7.09
N ALA A 24 -5.84 -13.69 6.85
CA ALA A 24 -6.65 -13.59 5.64
C ALA A 24 -8.12 -13.47 5.96
N TYR A 25 -8.81 -12.56 5.27
CA TYR A 25 -10.21 -12.25 5.49
C TYR A 25 -11.05 -12.85 4.38
N ASN A 26 -12.12 -13.56 4.76
CA ASN A 26 -13.05 -14.12 3.81
C ASN A 26 -14.32 -13.27 3.82
N PRO A 27 -14.60 -12.50 2.76
CA PRO A 27 -15.82 -11.67 2.79
C PRO A 27 -17.09 -12.48 2.89
N GLU A 28 -17.06 -13.73 2.41
CA GLU A 28 -18.26 -14.57 2.45
C GLU A 28 -18.66 -14.92 3.86
N THR A 29 -17.68 -15.06 4.77
CA THR A 29 -17.94 -15.41 6.16
C THR A 29 -17.73 -14.24 7.11
N ASN A 30 -17.15 -13.15 6.64
CA ASN A 30 -16.77 -12.02 7.49
C ASN A 30 -15.90 -12.51 8.66
N GLU A 31 -14.90 -13.32 8.33
CA GLU A 31 -13.99 -13.88 9.33
C GLU A 31 -12.55 -13.75 8.86
N TRP A 32 -11.67 -13.43 9.82
CA TRP A 32 -10.23 -13.45 9.63
C TRP A 32 -9.66 -14.76 10.15
N SER A 33 -8.64 -15.28 9.45
CA SER A 33 -7.98 -16.50 9.89
CA SER A 33 -7.97 -16.52 9.86
C SER A 33 -6.47 -16.37 9.67
N PRO A 34 -5.66 -16.93 10.56
CA PRO A 34 -4.20 -16.82 10.41
C PRO A 34 -3.69 -17.65 9.23
N VAL A 35 -2.62 -17.16 8.62
CA VAL A 35 -1.88 -18.00 7.69
C VAL A 35 -0.41 -17.98 8.11
N ALA A 36 0.46 -18.56 7.29
CA ALA A 36 1.86 -18.68 7.68
C ALA A 36 2.50 -17.31 7.80
N PRO A 37 3.33 -17.08 8.80
CA PRO A 37 4.03 -15.80 8.93
C PRO A 37 5.19 -15.68 7.96
N MET A 38 5.56 -14.43 7.69
CA MET A 38 6.76 -14.16 6.91
C MET A 38 8.02 -14.51 7.71
N SER A 39 9.15 -14.54 7.00
CA SER A 39 10.43 -14.87 7.62
C SER A 39 10.88 -13.80 8.61
N VAL A 40 10.49 -12.55 8.39
CA VAL A 40 10.89 -11.44 9.26
C VAL A 40 9.71 -10.49 9.43
N PRO A 41 9.70 -9.71 10.52
CA PRO A 41 8.67 -8.68 10.65
C PRO A 41 8.89 -7.54 9.66
N ARG A 42 7.80 -7.01 9.13
CA ARG A 42 7.84 -5.92 8.16
C ARG A 42 6.67 -4.98 8.38
N SER A 43 6.95 -3.73 8.72
N SER A 43 6.95 -3.74 8.76
CA SER A 43 5.93 -2.68 8.78
CA SER A 43 5.94 -2.69 8.74
C SER A 43 6.26 -1.60 7.76
C SER A 43 6.26 -1.72 7.62
N GLY A 44 5.23 -1.04 7.13
CA GLY A 44 5.45 -0.19 5.98
C GLY A 44 5.88 -1.00 4.77
N VAL A 45 5.37 -2.22 4.68
CA VAL A 45 5.74 -3.19 3.65
C VAL A 45 4.84 -3.00 2.43
N GLY A 46 5.42 -3.14 1.24
CA GLY A 46 4.63 -3.12 0.02
C GLY A 46 4.29 -4.54 -0.38
N VAL A 47 3.07 -4.74 -0.87
CA VAL A 47 2.56 -6.05 -1.23
CA VAL A 47 2.62 -6.07 -1.26
C VAL A 47 2.01 -6.01 -2.65
N ALA A 48 2.34 -7.02 -3.45
CA ALA A 48 1.87 -7.13 -4.83
C ALA A 48 1.53 -8.58 -5.13
N VAL A 49 0.55 -8.76 -6.02
CA VAL A 49 0.13 -10.08 -6.46
C VAL A 49 0.50 -10.23 -7.92
N ILE A 50 1.29 -11.26 -8.23
CA ILE A 50 1.61 -11.58 -9.61
C ILE A 50 1.99 -13.06 -9.67
N GLY A 51 1.61 -13.71 -10.77
CA GLY A 51 1.94 -15.10 -10.97
C GLY A 51 1.39 -16.02 -9.89
N GLY A 52 0.24 -15.67 -9.30
CA GLY A 52 -0.36 -16.47 -8.26
C GLY A 52 0.31 -16.37 -6.90
N LEU A 53 1.20 -15.42 -6.69
CA LEU A 53 1.91 -15.28 -5.43
C LEU A 53 1.69 -13.89 -4.86
N ILE A 54 1.77 -13.78 -3.54
CA ILE A 54 1.81 -12.48 -2.87
C ILE A 54 3.26 -12.16 -2.57
N TYR A 55 3.77 -11.05 -3.10
CA TYR A 55 5.13 -10.60 -2.79
C TYR A 55 5.08 -9.56 -1.69
N ALA A 56 5.91 -9.73 -0.66
CA ALA A 56 6.11 -8.74 0.39
C ALA A 56 7.46 -8.09 0.16
N VAL A 57 7.45 -6.77 -0.03
CA VAL A 57 8.59 -6.01 -0.54
C VAL A 57 9.04 -5.02 0.50
N GLY A 58 10.27 -5.17 0.99
CA GLY A 58 10.86 -4.14 1.85
C GLY A 58 10.14 -4.03 3.19
N GLY A 59 9.98 -2.79 3.65
CA GLY A 59 9.39 -2.52 4.95
C GLY A 59 10.45 -2.18 5.99
N ASP A 60 9.98 -2.03 7.23
CA ASP A 60 10.83 -1.74 8.37
C ASP A 60 10.68 -2.86 9.38
N GLY A 61 11.81 -3.47 9.76
CA GLY A 61 11.80 -4.46 10.81
C GLY A 61 12.87 -4.08 11.80
N HIS A 62 13.91 -4.91 11.91
N HIS A 62 13.91 -4.91 11.90
CA HIS A 62 15.06 -4.58 12.78
CA HIS A 62 15.05 -4.56 12.79
C HIS A 62 15.68 -3.31 12.18
C HIS A 62 15.68 -3.31 12.18
N THR A 63 15.66 -3.22 10.85
CA THR A 63 16.20 -2.03 10.16
C THR A 63 15.33 -1.85 8.91
N HIS A 64 15.59 -0.80 8.15
CA HIS A 64 14.89 -0.68 6.84
C HIS A 64 15.36 -1.89 6.01
N LEU A 65 14.43 -2.49 5.26
CA LEU A 65 14.70 -3.75 4.59
C LEU A 65 14.74 -3.59 3.07
N SER A 66 15.71 -4.23 2.43
CA SER A 66 15.68 -4.44 0.99
C SER A 66 15.14 -5.82 0.63
N SER A 67 14.93 -6.69 1.62
CA SER A 67 14.58 -8.06 1.34
C SER A 67 13.14 -8.17 0.83
N VAL A 68 12.87 -9.30 0.18
CA VAL A 68 11.60 -9.57 -0.49
C VAL A 68 11.30 -11.04 -0.27
N GLU A 69 10.01 -11.36 -0.09
CA GLU A 69 9.64 -12.77 -0.04
C GLU A 69 8.25 -12.92 -0.66
N ALA A 70 7.93 -14.15 -1.05
CA ALA A 70 6.72 -14.42 -1.81
C ALA A 70 5.93 -15.55 -1.14
N TYR A 71 4.61 -15.38 -1.07
CA TYR A 71 3.71 -16.32 -0.43
C TYR A 71 2.93 -17.10 -1.49
N ASN A 72 2.94 -18.42 -1.36
CA ASN A 72 2.14 -19.27 -2.23
C ASN A 72 0.92 -19.74 -1.48
N PRO A 73 -0.30 -19.29 -1.83
CA PRO A 73 -1.49 -19.76 -1.11
C PRO A 73 -1.73 -21.25 -1.29
N GLU A 74 -1.23 -21.85 -2.35
CA GLU A 74 -1.44 -23.28 -2.57
C GLU A 74 -0.68 -24.11 -1.56
N THR A 75 0.48 -23.64 -1.11
CA THR A 75 1.31 -24.34 -0.15
C THR A 75 1.31 -23.72 1.23
N ASN A 76 0.74 -22.52 1.39
CA ASN A 76 0.80 -21.77 2.65
C ASN A 76 2.24 -21.64 3.14
N GLU A 77 3.13 -21.27 2.22
CA GLU A 77 4.54 -21.11 2.51
C GLU A 77 5.07 -19.81 1.92
N TRP A 78 5.99 -19.17 2.64
CA TRP A 78 6.75 -18.03 2.15
C TRP A 78 8.11 -18.52 1.67
N SER A 79 8.61 -17.91 0.60
CA SER A 79 9.95 -18.18 0.09
C SER A 79 10.67 -16.89 -0.21
N PRO A 80 11.99 -16.84 -0.01
CA PRO A 80 12.74 -15.61 -0.33
C PRO A 80 12.82 -15.30 -1.82
N VAL A 81 12.96 -14.01 -2.10
CA VAL A 81 13.08 -13.44 -3.44
C VAL A 81 14.33 -12.57 -3.39
N ALA A 82 14.97 -12.35 -4.56
CA ALA A 82 16.15 -11.52 -4.60
C ALA A 82 15.87 -10.16 -3.95
N PRO A 83 16.79 -9.63 -3.15
CA PRO A 83 16.57 -8.32 -2.53
C PRO A 83 16.73 -7.18 -3.53
N MET A 84 16.10 -6.06 -3.18
CA MET A 84 16.18 -4.85 -3.97
C MET A 84 17.57 -4.22 -3.88
N SER A 85 17.81 -3.23 -4.73
CA SER A 85 19.08 -2.52 -4.76
C SER A 85 19.32 -1.69 -3.51
N VAL A 86 18.26 -1.27 -2.82
CA VAL A 86 18.37 -0.40 -1.65
C VAL A 86 17.25 -0.79 -0.68
N PRO A 87 17.43 -0.52 0.63
CA PRO A 87 16.35 -0.75 1.57
C PRO A 87 15.23 0.27 1.34
N ARG A 88 13.99 -0.17 1.52
CA ARG A 88 12.83 0.73 1.30
C ARG A 88 11.73 0.48 2.33
N SER A 89 11.70 1.27 3.39
CA SER A 89 10.59 1.26 4.36
C SER A 89 9.52 2.22 3.84
N GLY A 90 8.27 1.87 4.06
CA GLY A 90 7.20 2.74 3.57
C GLY A 90 7.15 2.82 2.06
N VAL A 91 7.36 1.69 1.39
CA VAL A 91 7.51 1.62 -0.06
C VAL A 91 6.14 1.37 -0.69
N GLY A 92 5.90 1.96 -1.86
CA GLY A 92 4.71 1.65 -2.64
C GLY A 92 5.07 0.60 -3.69
N VAL A 93 4.12 -0.29 -3.98
N VAL A 93 4.16 -0.32 -3.93
CA VAL A 93 4.36 -1.42 -4.89
CA VAL A 93 4.39 -1.31 -4.96
C VAL A 93 3.19 -1.56 -5.86
C VAL A 93 3.20 -1.35 -5.89
N ALA A 94 3.49 -1.65 -7.16
CA ALA A 94 2.48 -1.78 -8.19
C ALA A 94 2.92 -2.85 -9.19
N VAL A 95 1.94 -3.55 -9.76
CA VAL A 95 2.19 -4.54 -10.80
C VAL A 95 1.64 -4.02 -12.13
N ILE A 96 2.49 -4.00 -13.15
CA ILE A 96 2.04 -3.67 -14.50
C ILE A 96 3.02 -4.28 -15.49
N GLY A 97 2.49 -4.78 -16.60
CA GLY A 97 3.34 -5.34 -17.63
C GLY A 97 4.18 -6.52 -17.19
N GLY A 98 3.69 -7.29 -16.20
CA GLY A 98 4.42 -8.43 -15.72
C GLY A 98 5.58 -8.13 -14.79
N LEU A 99 5.74 -6.89 -14.35
CA LEU A 99 6.81 -6.50 -13.43
C LEU A 99 6.22 -5.97 -12.13
N ILE A 100 7.01 -6.09 -11.06
CA ILE A 100 6.68 -5.51 -9.76
C ILE A 100 7.52 -4.26 -9.58
N TYR A 101 6.87 -3.10 -9.48
CA TYR A 101 7.58 -1.85 -9.29
C TYR A 101 7.61 -1.49 -7.80
N ALA A 102 8.82 -1.21 -7.28
CA ALA A 102 8.99 -0.70 -5.92
C ALA A 102 9.30 0.80 -6.00
N VAL A 103 8.44 1.61 -5.38
CA VAL A 103 8.36 3.04 -5.63
C VAL A 103 8.72 3.78 -4.35
N GLY A 104 9.79 4.57 -4.39
CA GLY A 104 10.11 5.42 -3.24
C GLY A 104 10.38 4.64 -1.95
N GLY A 105 9.90 5.19 -0.85
CA GLY A 105 10.17 4.62 0.46
C GLY A 105 11.26 5.39 1.20
N ASP A 106 11.77 4.75 2.23
CA ASP A 106 12.75 5.33 3.14
C ASP A 106 13.89 4.33 3.28
N GLY A 107 15.08 4.72 2.84
CA GLY A 107 16.26 3.89 3.04
C GLY A 107 17.19 4.60 3.99
N HIS A 108 18.37 4.97 3.50
CA HIS A 108 19.22 5.88 4.26
C HIS A 108 18.58 7.28 4.37
N THR A 109 17.68 7.60 3.44
CA THR A 109 16.95 8.86 3.44
C THR A 109 15.67 8.60 2.66
N HIS A 110 14.77 9.58 2.63
CA HIS A 110 13.57 9.44 1.79
C HIS A 110 14.00 9.31 0.32
N LEU A 111 13.32 8.43 -0.42
CA LEU A 111 13.77 8.00 -1.73
C LEU A 111 12.86 8.49 -2.85
N SER A 112 13.48 9.02 -3.90
CA SER A 112 12.77 9.23 -5.16
C SER A 112 13.01 8.08 -6.14
N SER A 113 13.92 7.17 -5.85
CA SER A 113 14.26 6.12 -6.79
C SER A 113 13.14 5.10 -6.90
N VAL A 114 13.18 4.35 -8.01
CA VAL A 114 12.19 3.33 -8.37
C VAL A 114 12.94 2.18 -9.00
N GLU A 115 12.49 0.94 -8.74
CA GLU A 115 13.10 -0.21 -9.39
C GLU A 115 12.02 -1.25 -9.64
N ALA A 116 12.31 -2.16 -10.58
CA ALA A 116 11.31 -3.10 -11.08
C ALA A 116 11.85 -4.52 -11.06
N TYR A 117 11.04 -5.45 -10.59
CA TYR A 117 11.40 -6.86 -10.48
C TYR A 117 10.74 -7.67 -11.57
N ASN A 118 11.52 -8.49 -12.26
CA ASN A 118 11.01 -9.35 -13.31
C ASN A 118 10.98 -10.78 -12.79
N PRO A 119 9.81 -11.37 -12.56
CA PRO A 119 9.77 -12.73 -12.02
C PRO A 119 10.37 -13.77 -12.96
N GLU A 120 10.41 -13.50 -14.27
CA GLU A 120 10.97 -14.46 -15.20
C GLU A 120 12.50 -14.53 -15.11
N THR A 121 13.15 -13.40 -14.84
CA THR A 121 14.61 -13.34 -14.69
C THR A 121 15.05 -13.35 -13.24
N ASN A 122 14.14 -13.11 -12.29
CA ASN A 122 14.43 -13.07 -10.86
C ASN A 122 15.41 -11.96 -10.50
N GLU A 123 15.33 -10.83 -11.19
CA GLU A 123 16.26 -9.73 -10.99
C GLU A 123 15.53 -8.41 -10.96
N TRP A 124 16.05 -7.49 -10.14
CA TRP A 124 15.61 -6.10 -10.08
C TRP A 124 16.45 -5.23 -11.01
N SER A 125 15.82 -4.22 -11.60
CA SER A 125 16.51 -3.24 -12.41
CA SER A 125 16.54 -3.24 -12.38
C SER A 125 16.02 -1.84 -12.05
N PRO A 126 16.90 -0.84 -12.07
CA PRO A 126 16.46 0.53 -11.85
C PRO A 126 15.63 1.06 -13.01
N VAL A 127 14.64 1.89 -12.68
CA VAL A 127 13.93 2.67 -13.69
C VAL A 127 13.99 4.15 -13.30
N ALA A 128 13.20 4.98 -13.98
CA ALA A 128 13.32 6.43 -13.81
C ALA A 128 12.85 6.83 -12.41
N PRO A 129 13.53 7.78 -11.77
CA PRO A 129 13.10 8.25 -10.45
C PRO A 129 11.97 9.27 -10.57
N MET A 130 11.25 9.41 -9.45
CA MET A 130 10.17 10.39 -9.37
C MET A 130 10.73 11.80 -9.23
N SER A 131 9.82 12.78 -9.37
CA SER A 131 10.20 14.19 -9.27
C SER A 131 10.49 14.66 -7.84
N VAL A 132 10.15 13.86 -6.83
CA VAL A 132 10.34 14.26 -5.43
C VAL A 132 10.43 12.96 -4.64
N PRO A 133 11.25 12.89 -3.58
CA PRO A 133 11.24 11.68 -2.75
C PRO A 133 9.90 11.52 -2.04
N ARG A 134 9.46 10.26 -1.89
CA ARG A 134 8.15 9.96 -1.31
C ARG A 134 8.27 8.72 -0.42
N SER A 135 8.43 8.96 0.87
CA SER A 135 8.37 7.90 1.87
C SER A 135 6.92 7.76 2.33
N GLY A 136 6.46 6.53 2.50
CA GLY A 136 5.06 6.36 2.86
C GLY A 136 4.12 6.69 1.73
N VAL A 137 4.55 6.50 0.48
CA VAL A 137 3.77 6.82 -0.70
C VAL A 137 2.71 5.75 -0.92
N GLY A 138 1.57 6.16 -1.46
CA GLY A 138 0.54 5.23 -1.90
C GLY A 138 0.64 5.13 -3.42
N VAL A 139 0.42 3.92 -3.94
N VAL A 139 0.33 3.94 -3.95
CA VAL A 139 0.52 3.73 -5.38
CA VAL A 139 0.58 3.64 -5.36
C VAL A 139 -0.67 2.91 -5.87
C VAL A 139 -0.56 2.79 -5.92
N ALA A 140 -1.03 3.15 -7.12
CA ALA A 140 -2.08 2.36 -7.78
C ALA A 140 -1.87 2.44 -9.29
N VAL A 141 -2.50 1.50 -9.99
CA VAL A 141 -2.38 1.36 -11.44
C VAL A 141 -3.76 1.56 -12.06
N ILE A 142 -3.83 2.46 -13.05
CA ILE A 142 -5.01 2.57 -13.90
C ILE A 142 -4.57 3.13 -15.24
N GLY A 143 -5.20 2.65 -16.31
CA GLY A 143 -4.90 3.19 -17.63
C GLY A 143 -3.48 2.98 -18.08
N GLY A 144 -2.83 1.90 -17.62
CA GLY A 144 -1.46 1.62 -17.99
C GLY A 144 -0.42 2.48 -17.32
N LEU A 145 -0.80 3.25 -16.29
CA LEU A 145 0.10 4.15 -15.58
C LEU A 145 0.16 3.78 -14.11
N ILE A 146 1.32 4.00 -13.49
CA ILE A 146 1.51 3.87 -12.04
C ILE A 146 1.39 5.26 -11.45
N TYR A 147 0.46 5.45 -10.53
CA TYR A 147 0.29 6.72 -9.83
C TYR A 147 0.97 6.66 -8.48
N ALA A 148 1.82 7.63 -8.19
CA ALA A 148 2.41 7.81 -6.88
C ALA A 148 1.72 8.97 -6.17
N VAL A 149 1.07 8.67 -5.05
CA VAL A 149 0.16 9.60 -4.36
C VAL A 149 0.77 9.98 -3.02
N GLY A 150 1.03 11.28 -2.83
CA GLY A 150 1.43 11.75 -1.51
C GLY A 150 2.77 11.21 -1.05
N GLY A 151 2.85 10.92 0.23
CA GLY A 151 4.09 10.50 0.84
C GLY A 151 4.77 11.65 1.57
N ASP A 152 6.00 11.36 1.99
CA ASP A 152 6.80 12.28 2.79
CA ASP A 152 6.80 12.28 2.78
C ASP A 152 8.07 12.60 2.02
N GLY A 153 8.26 13.88 1.68
CA GLY A 153 9.52 14.35 1.12
C GLY A 153 10.24 15.10 2.22
N HIS A 154 10.32 16.43 2.12
CA HIS A 154 10.72 17.22 3.27
C HIS A 154 9.57 17.40 4.25
N THR A 155 8.34 17.30 3.76
CA THR A 155 7.12 17.35 4.55
C THR A 155 6.15 16.36 3.93
N HIS A 156 5.02 16.16 4.59
CA HIS A 156 3.91 15.44 3.97
C HIS A 156 3.51 16.11 2.67
N LEU A 157 3.31 15.31 1.61
CA LEU A 157 3.05 15.84 0.27
C LEU A 157 1.59 15.69 -0.13
N SER A 158 1.05 16.74 -0.76
CA SER A 158 -0.21 16.64 -1.47
C SER A 158 -0.03 16.32 -2.95
N SER A 159 1.19 16.39 -3.46
CA SER A 159 1.39 16.21 -4.89
C SER A 159 1.27 14.75 -5.31
N VAL A 160 1.05 14.55 -6.60
CA VAL A 160 0.79 13.25 -7.22
C VAL A 160 1.50 13.25 -8.57
N GLU A 161 2.03 12.10 -8.96
CA GLU A 161 2.63 11.99 -10.29
C GLU A 161 2.39 10.58 -10.83
N ALA A 162 2.59 10.41 -12.14
CA ALA A 162 2.24 9.15 -12.79
C ALA A 162 3.38 8.70 -13.70
N TYR A 163 3.63 7.39 -13.73
CA TYR A 163 4.73 6.77 -14.47
C TYR A 163 4.21 5.95 -15.63
N ASN A 164 4.81 6.12 -16.81
CA ASN A 164 4.48 5.29 -17.96
C ASN A 164 5.64 4.34 -18.23
N PRO A 165 5.48 3.03 -18.03
CA PRO A 165 6.63 2.13 -18.23
C PRO A 165 7.19 2.17 -19.64
N GLU A 166 6.35 2.43 -20.64
CA GLU A 166 6.80 2.39 -22.03
C GLU A 166 7.69 3.59 -22.38
N THR A 167 7.46 4.73 -21.73
CA THR A 167 8.33 5.88 -21.93
C THR A 167 9.40 6.01 -20.87
N ASN A 168 9.24 5.29 -19.75
CA ASN A 168 10.13 5.40 -18.59
C ASN A 168 10.22 6.85 -18.12
N GLU A 169 9.06 7.53 -18.05
CA GLU A 169 8.99 8.91 -17.59
C GLU A 169 7.88 9.09 -16.57
N TRP A 170 8.12 10.01 -15.63
CA TRP A 170 7.12 10.47 -14.67
C TRP A 170 6.54 11.80 -15.09
N SER A 171 5.23 11.96 -14.94
CA SER A 171 4.54 13.18 -15.31
C SER A 171 3.67 13.68 -14.18
N PRO A 172 3.49 15.00 -14.04
CA PRO A 172 2.70 15.53 -12.93
C PRO A 172 1.21 15.28 -13.10
N VAL A 173 0.55 15.11 -11.95
CA VAL A 173 -0.88 14.91 -11.83
C VAL A 173 -1.39 16.01 -10.90
N ALA A 174 -2.70 16.28 -10.97
CA ALA A 174 -3.29 17.24 -10.04
C ALA A 174 -3.05 16.81 -8.60
N PRO A 175 -2.76 17.75 -7.71
CA PRO A 175 -2.53 17.41 -6.30
C PRO A 175 -3.83 17.15 -5.55
N MET A 176 -3.70 16.39 -4.47
CA MET A 176 -4.80 16.16 -3.57
C MET A 176 -5.19 17.44 -2.83
N SER A 177 -6.35 17.39 -2.19
CA SER A 177 -6.85 18.52 -1.43
C SER A 177 -6.00 18.80 -0.19
N VAL A 178 -5.36 17.77 0.36
CA VAL A 178 -4.56 17.88 1.58
C VAL A 178 -3.33 16.99 1.44
N PRO A 179 -2.28 17.28 2.20
CA PRO A 179 -1.12 16.37 2.23
C PRO A 179 -1.48 15.07 2.93
N ARG A 180 -0.90 13.97 2.43
CA ARG A 180 -1.20 12.64 2.96
C ARG A 180 0.04 11.76 2.82
N SER A 181 0.55 11.26 3.94
N SER A 181 0.55 11.25 3.92
CA SER A 181 1.54 10.21 3.95
CA SER A 181 1.53 10.17 3.86
C SER A 181 0.93 8.97 4.60
C SER A 181 0.98 8.97 4.62
N GLY A 182 1.49 7.80 4.30
CA GLY A 182 0.91 6.57 4.83
C GLY A 182 -0.52 6.40 4.37
N VAL A 183 -0.79 6.81 3.15
CA VAL A 183 -2.13 6.87 2.58
C VAL A 183 -2.43 5.58 1.85
N GLY A 184 -3.65 5.07 1.99
CA GLY A 184 -4.07 3.92 1.19
C GLY A 184 -4.60 4.39 -0.16
N VAL A 185 -4.26 3.64 -1.22
CA VAL A 185 -4.71 4.01 -2.56
C VAL A 185 -5.37 2.81 -3.21
N ALA A 186 -6.61 2.98 -3.69
CA ALA A 186 -7.39 1.93 -4.32
C ALA A 186 -8.04 2.43 -5.59
N VAL A 187 -8.20 1.54 -6.56
CA VAL A 187 -8.83 1.86 -7.84
C VAL A 187 -10.12 1.09 -7.96
N ILE A 188 -11.22 1.79 -8.22
CA ILE A 188 -12.50 1.13 -8.51
C ILE A 188 -13.36 2.11 -9.30
N GLY A 189 -14.08 1.57 -10.28
CA GLY A 189 -14.96 2.40 -11.10
C GLY A 189 -14.25 3.47 -11.90
N GLY A 190 -13.01 3.23 -12.30
CA GLY A 190 -12.28 4.22 -13.06
C GLY A 190 -11.76 5.38 -12.25
N LEU A 191 -11.87 5.34 -10.92
CA LEU A 191 -11.39 6.40 -10.05
C LEU A 191 -10.29 5.88 -9.13
N ILE A 192 -9.36 6.76 -8.78
CA ILE A 192 -8.34 6.47 -7.78
C ILE A 192 -8.77 7.08 -6.45
N TYR A 193 -8.87 6.26 -5.41
CA TYR A 193 -9.25 6.76 -4.09
C TYR A 193 -8.01 6.87 -3.20
N ALA A 194 -7.84 8.04 -2.57
CA ALA A 194 -6.82 8.26 -1.56
C ALA A 194 -7.50 8.20 -0.20
N VAL A 195 -7.11 7.25 0.63
CA VAL A 195 -7.84 6.88 1.83
C VAL A 195 -6.98 7.19 3.05
N GLY A 196 -7.43 8.11 3.90
CA GLY A 196 -6.77 8.28 5.18
C GLY A 196 -5.36 8.84 5.04
N GLY A 197 -4.47 8.35 5.88
CA GLY A 197 -3.11 8.83 5.89
C GLY A 197 -2.82 9.73 7.08
N ASP A 198 -1.64 10.32 7.05
CA ASP A 198 -1.13 11.26 8.05
C ASP A 198 -0.84 12.57 7.33
N GLY A 199 -1.40 13.65 7.84
CA GLY A 199 -1.10 14.97 7.31
C GLY A 199 -0.78 15.87 8.48
N HIS A 200 -1.55 16.95 8.60
N HIS A 200 -1.53 16.95 8.66
CA HIS A 200 -1.52 17.77 9.82
CA HIS A 200 -1.31 17.69 9.90
C HIS A 200 -1.86 16.93 11.04
C HIS A 200 -1.89 16.95 11.10
N THR A 201 -2.77 15.97 10.86
CA THR A 201 -3.19 15.02 11.90
C THR A 201 -3.38 13.67 11.22
N HIS A 202 -3.68 12.64 12.01
CA HIS A 202 -4.16 11.40 11.39
C HIS A 202 -5.51 11.69 10.71
N LEU A 203 -5.70 11.12 9.53
CA LEU A 203 -6.77 11.52 8.62
C LEU A 203 -7.85 10.45 8.52
N SER A 204 -9.12 10.88 8.67
CA SER A 204 -10.25 10.04 8.29
C SER A 204 -10.80 10.39 6.92
N SER A 205 -10.35 11.50 6.34
CA SER A 205 -10.88 11.97 5.07
C SER A 205 -10.44 11.05 3.92
N VAL A 206 -11.22 11.10 2.86
CA VAL A 206 -11.04 10.29 1.67
C VAL A 206 -11.36 11.17 0.48
N GLU A 207 -10.59 11.04 -0.61
CA GLU A 207 -10.91 11.77 -1.84
C GLU A 207 -10.62 10.88 -3.06
N ALA A 208 -11.25 11.22 -4.17
CA ALA A 208 -11.22 10.40 -5.38
C ALA A 208 -10.78 11.20 -6.58
N TYR A 209 -9.89 10.60 -7.38
CA TYR A 209 -9.30 11.24 -8.55
C TYR A 209 -9.86 10.64 -9.83
N ASN A 210 -10.26 11.50 -10.76
CA ASN A 210 -10.75 11.08 -12.06
C ASN A 210 -9.67 11.37 -13.11
N PRO A 211 -9.04 10.36 -13.69
CA PRO A 211 -8.00 10.63 -14.70
C PRO A 211 -8.52 11.39 -15.90
N GLU A 212 -9.82 11.28 -16.20
CA GLU A 212 -10.37 11.91 -17.39
C GLU A 212 -10.55 13.41 -17.20
N THR A 213 -10.69 13.88 -15.97
CA THR A 213 -10.79 15.30 -15.68
C THR A 213 -9.56 15.86 -14.99
N ASN A 214 -8.66 15.01 -14.51
CA ASN A 214 -7.50 15.42 -13.72
C ASN A 214 -7.92 16.27 -12.52
N GLU A 215 -8.99 15.84 -11.85
CA GLU A 215 -9.47 16.54 -10.67
C GLU A 215 -9.75 15.55 -9.53
N TRP A 216 -9.50 16.02 -8.31
CA TRP A 216 -9.83 15.30 -7.09
C TRP A 216 -11.15 15.83 -6.52
N SER A 217 -11.92 14.92 -5.92
CA SER A 217 -13.20 15.27 -5.27
C SER A 217 -13.31 14.57 -3.93
N PRO A 218 -13.86 15.25 -2.93
CA PRO A 218 -14.07 14.60 -1.63
C PRO A 218 -15.15 13.53 -1.69
N VAL A 219 -14.96 12.47 -0.91
CA VAL A 219 -16.04 11.53 -0.67
C VAL A 219 -16.18 11.35 0.84
N ALA A 220 -17.05 10.43 1.24
CA ALA A 220 -17.39 10.30 2.65
C ALA A 220 -16.17 9.87 3.47
N PRO A 221 -15.96 10.45 4.64
CA PRO A 221 -14.84 10.02 5.50
C PRO A 221 -15.12 8.69 6.19
N MET A 222 -14.02 8.05 6.60
CA MET A 222 -14.13 6.84 7.37
C MET A 222 -14.61 7.14 8.79
N SER A 223 -14.95 6.06 9.51
CA SER A 223 -15.44 6.15 10.88
C SER A 223 -14.38 6.63 11.88
N VAL A 224 -13.10 6.54 11.51
CA VAL A 224 -11.99 6.79 12.42
C VAL A 224 -10.80 7.21 11.58
N PRO A 225 -9.90 8.07 12.06
CA PRO A 225 -8.68 8.35 11.29
C PRO A 225 -7.84 7.09 11.18
N ARG A 226 -7.17 6.93 10.04
CA ARG A 226 -6.34 5.74 9.81
C ARG A 226 -5.06 6.18 9.09
N SER A 227 -4.04 6.53 9.86
CA SER A 227 -2.70 6.74 9.31
C SER A 227 -2.02 5.40 9.12
N GLY A 228 -1.36 5.21 7.97
CA GLY A 228 -0.74 3.92 7.74
C GLY A 228 -1.74 2.82 7.42
N VAL A 229 -2.84 3.17 6.76
CA VAL A 229 -3.92 2.22 6.47
C VAL A 229 -3.54 1.39 5.25
N GLY A 230 -4.01 0.15 5.22
CA GLY A 230 -3.90 -0.70 4.04
C GLY A 230 -5.26 -0.79 3.37
N VAL A 231 -5.28 -0.90 2.04
CA VAL A 231 -6.54 -0.85 1.32
CA VAL A 231 -6.54 -0.84 1.31
C VAL A 231 -6.57 -1.93 0.25
N ALA A 232 -7.74 -2.54 0.05
CA ALA A 232 -7.97 -3.55 -0.97
C ALA A 232 -9.37 -3.37 -1.57
N VAL A 233 -9.53 -3.83 -2.79
CA VAL A 233 -10.82 -3.79 -3.50
C VAL A 233 -11.25 -5.22 -3.79
N ILE A 234 -12.46 -5.56 -3.34
CA ILE A 234 -13.07 -6.86 -3.68
C ILE A 234 -14.58 -6.72 -3.49
N GLY A 235 -15.34 -7.38 -4.38
CA GLY A 235 -16.78 -7.33 -4.27
C GLY A 235 -17.37 -5.94 -4.47
N GLY A 236 -16.70 -5.10 -5.25
CA GLY A 236 -17.20 -3.75 -5.47
C GLY A 236 -17.07 -2.82 -4.29
N LEU A 237 -16.30 -3.21 -3.27
CA LEU A 237 -16.09 -2.39 -2.07
C LEU A 237 -14.61 -2.11 -1.89
N ILE A 238 -14.31 -0.97 -1.26
CA ILE A 238 -12.97 -0.63 -0.83
C ILE A 238 -12.87 -0.96 0.65
N TYR A 239 -11.93 -1.84 1.01
CA TYR A 239 -11.70 -2.18 2.42
C TYR A 239 -10.53 -1.36 2.95
N ALA A 240 -10.75 -0.67 4.07
CA ALA A 240 -9.69 0.02 4.79
C ALA A 240 -9.32 -0.82 6.00
N VAL A 241 -8.05 -1.22 6.06
CA VAL A 241 -7.57 -2.23 7.01
C VAL A 241 -6.60 -1.57 7.98
N GLY A 242 -6.94 -1.58 9.27
CA GLY A 242 -5.97 -1.18 10.28
C GLY A 242 -5.59 0.29 10.20
N GLY A 243 -4.32 0.58 10.45
CA GLY A 243 -3.86 1.95 10.53
C GLY A 243 -3.81 2.44 11.97
N ASP A 244 -3.48 3.72 12.11
N ASP A 244 -3.42 3.71 12.08
CA ASP A 244 -3.27 4.35 13.41
CA ASP A 244 -3.30 4.41 13.36
C ASP A 244 -4.25 5.51 13.55
C ASP A 244 -4.37 5.47 13.46
N GLY A 245 -5.19 5.40 14.50
CA GLY A 245 -6.11 6.48 14.82
C GLY A 245 -5.69 7.12 16.13
N HIS A 246 -6.53 7.00 17.17
CA HIS A 246 -6.07 7.37 18.50
C HIS A 246 -5.03 6.37 19.02
N THR A 247 -5.04 5.16 18.48
CA THR A 247 -4.09 4.09 18.79
C THR A 247 -4.01 3.19 17.57
N HIS A 248 -3.07 2.24 17.56
CA HIS A 248 -3.02 1.26 16.47
C HIS A 248 -4.31 0.46 16.45
N LEU A 249 -4.87 0.27 15.24
CA LEU A 249 -6.20 -0.30 15.09
C LEU A 249 -6.15 -1.72 14.52
N SER A 250 -6.96 -2.62 15.08
CA SER A 250 -7.27 -3.90 14.45
C SER A 250 -8.52 -3.84 13.61
N SER A 251 -9.24 -2.72 13.65
CA SER A 251 -10.53 -2.62 12.98
C SER A 251 -10.37 -2.50 11.47
N VAL A 252 -11.47 -2.80 10.78
CA VAL A 252 -11.56 -2.79 9.33
C VAL A 252 -12.92 -2.22 8.97
N GLU A 253 -12.98 -1.39 7.93
CA GLU A 253 -14.27 -0.91 7.44
C GLU A 253 -14.26 -0.89 5.92
N ALA A 254 -15.45 -0.84 5.33
CA ALA A 254 -15.60 -1.04 3.90
C ALA A 254 -16.49 0.04 3.30
N TYR A 255 -16.11 0.50 2.10
CA TYR A 255 -16.73 1.63 1.45
C TYR A 255 -17.52 1.15 0.23
N ASN A 256 -18.78 1.57 0.14
CA ASN A 256 -19.64 1.26 -1.00
C ASN A 256 -19.74 2.50 -1.88
N PRO A 257 -19.09 2.54 -3.04
CA PRO A 257 -19.17 3.75 -3.88
C PRO A 257 -20.60 4.06 -4.33
N GLU A 258 -21.47 3.05 -4.43
CA GLU A 258 -22.83 3.30 -4.88
C GLU A 258 -23.57 4.23 -3.91
N THR A 259 -23.35 4.04 -2.60
CA THR A 259 -24.02 4.86 -1.59
C THR A 259 -23.13 5.88 -0.93
N ASN A 260 -21.83 5.87 -1.21
CA ASN A 260 -20.87 6.78 -0.58
C ASN A 260 -20.92 6.64 0.94
N GLU A 261 -20.92 5.39 1.41
CA GLU A 261 -21.01 5.13 2.85
C GLU A 261 -20.01 4.06 3.25
N TRP A 262 -19.44 4.22 4.45
CA TRP A 262 -18.53 3.27 5.07
C TRP A 262 -19.27 2.46 6.13
N SER A 263 -18.94 1.17 6.23
CA SER A 263 -19.51 0.31 7.26
C SER A 263 -18.44 -0.61 7.83
N PRO A 264 -18.51 -0.93 9.11
CA PRO A 264 -17.49 -1.81 9.70
C PRO A 264 -17.64 -3.24 9.23
N VAL A 265 -16.51 -3.96 9.23
CA VAL A 265 -16.54 -5.41 9.10
C VAL A 265 -15.72 -5.99 10.25
N ALA A 266 -15.49 -7.29 10.23
CA ALA A 266 -14.85 -7.94 11.37
C ALA A 266 -13.42 -7.43 11.55
N PRO A 267 -12.96 -7.24 12.78
CA PRO A 267 -11.59 -6.80 13.02
C PRO A 267 -10.59 -7.95 12.90
N MET A 268 -9.34 -7.58 12.67
CA MET A 268 -8.24 -8.53 12.64
C MET A 268 -7.91 -9.03 14.04
N SER A 269 -7.07 -10.06 14.09
CA SER A 269 -6.64 -10.64 15.36
C SER A 269 -5.75 -9.69 16.16
N VAL A 270 -5.05 -8.76 15.50
CA VAL A 270 -4.12 -7.85 16.16
C VAL A 270 -4.18 -6.50 15.48
N PRO A 271 -3.81 -5.43 16.18
CA PRO A 271 -3.68 -4.12 15.50
C PRO A 271 -2.51 -4.15 14.53
N ARG A 272 -2.71 -3.45 13.39
CA ARG A 272 -1.69 -3.42 12.34
C ARG A 272 -1.72 -2.03 11.70
N SER A 273 -0.67 -1.25 11.92
CA SER A 273 -0.43 -0.01 11.20
C SER A 273 0.72 -0.23 10.22
N GLY A 274 0.68 0.47 9.09
CA GLY A 274 1.67 0.19 8.06
C GLY A 274 1.54 -1.22 7.51
N VAL A 275 0.32 -1.74 7.43
CA VAL A 275 0.03 -3.11 7.02
C VAL A 275 -0.03 -3.18 5.49
N GLY A 276 0.56 -4.23 4.93
CA GLY A 276 0.40 -4.50 3.51
C GLY A 276 -0.88 -5.31 3.28
N VAL A 277 -1.61 -4.93 2.24
CA VAL A 277 -2.90 -5.55 1.95
C VAL A 277 -2.95 -5.97 0.48
N ALA A 278 -3.31 -7.23 0.24
CA ALA A 278 -3.41 -7.75 -1.11
C ALA A 278 -4.60 -8.70 -1.21
N VAL A 279 -5.12 -8.85 -2.43
CA VAL A 279 -6.24 -9.73 -2.70
C VAL A 279 -5.78 -10.83 -3.65
N ILE A 280 -6.04 -12.08 -3.28
CA ILE A 280 -5.82 -13.21 -4.17
C ILE A 280 -6.77 -14.33 -3.76
#